data_8H0U
#
_entry.id   8H0U
#
_entity_poly.entity_id   1
_entity_poly.type   'polypeptide(L)'
_entity_poly.pdbx_seq_one_letter_code
;SAQEEAEAEERRLQEQEELENYIEHVLLRRP
;
_entity_poly.pdbx_strand_id   A
#
# COMPACT_ATOMS: atom_id res chain seq x y z
N SER A 1 7.78 6.03 19.35
CA SER A 1 6.60 5.31 18.86
C SER A 1 5.38 5.65 19.70
N ALA A 2 4.21 5.20 19.24
CA ALA A 2 2.96 5.46 19.96
C ALA A 2 1.82 4.64 19.37
N GLN A 3 0.63 4.79 19.95
CA GLN A 3 -0.54 4.05 19.48
C GLN A 3 -1.04 4.63 18.16
N GLU A 4 -1.12 5.95 18.08
CA GLU A 4 -1.58 6.61 16.86
C GLU A 4 -0.66 6.31 15.69
N GLU A 5 0.63 6.55 15.88
CA GLU A 5 1.61 6.30 14.83
C GLU A 5 1.61 4.83 14.42
N ALA A 6 1.42 3.96 15.39
CA ALA A 6 1.41 2.52 15.13
C ALA A 6 0.25 2.15 14.21
N GLU A 7 -0.88 2.82 14.39
CA GLU A 7 -2.07 2.55 13.56
C GLU A 7 -1.82 2.97 12.12
N ALA A 8 -1.12 4.08 11.93
CA ALA A 8 -0.82 4.59 10.60
C ALA A 8 0.21 3.70 9.91
N GLU A 9 1.16 3.18 10.67
CA GLU A 9 2.20 2.33 10.13
C GLU A 9 1.60 1.17 9.35
N GLU A 10 0.89 0.28 10.05
CA GLU A 10 0.26 -0.87 9.42
C GLU A 10 -0.59 -0.44 8.23
N ARG A 11 -1.26 0.69 8.36
CA ARG A 11 -2.11 1.21 7.30
C ARG A 11 -1.34 1.32 5.99
N ARG A 12 -0.07 1.69 6.09
CA ARG A 12 0.78 1.83 4.90
C ARG A 12 1.14 0.46 4.32
N LEU A 13 1.33 -0.52 5.21
CA LEU A 13 1.68 -1.87 4.78
C LEU A 13 0.50 -2.54 4.08
N GLN A 14 -0.69 -2.37 4.65
CA GLN A 14 -1.90 -2.95 4.07
C GLN A 14 -2.27 -2.25 2.78
N GLU A 15 -2.03 -0.95 2.72
CA GLU A 15 -2.35 -0.16 1.53
C GLU A 15 -1.32 -0.39 0.44
N GLN A 16 -0.07 -0.57 0.84
CA GLN A 16 1.02 -0.80 -0.11
C GLN A 16 1.00 -2.24 -0.62
N GLU A 17 0.90 -3.19 0.31
CA GLU A 17 0.87 -4.60 -0.05
C GLU A 17 -0.18 -4.88 -1.11
N GLU A 18 -1.27 -4.13 -1.06
CA GLU A 18 -2.36 -4.30 -2.02
C GLU A 18 -2.15 -3.39 -3.23
N LEU A 19 -1.56 -2.23 -3.00
CA LEU A 19 -1.31 -1.27 -4.07
C LEU A 19 -0.28 -1.81 -5.06
N GLU A 20 0.70 -2.54 -4.54
CA GLU A 20 1.74 -3.12 -5.38
C GLU A 20 1.14 -3.91 -6.54
N ASN A 21 -0.03 -4.51 -6.29
CA ASN A 21 -0.71 -5.30 -7.31
C ASN A 21 -1.47 -4.39 -8.27
N TYR A 22 -1.96 -3.26 -7.76
CA TYR A 22 -2.70 -2.31 -8.58
C TYR A 22 -1.90 -1.91 -9.81
N ILE A 23 -0.84 -1.14 -9.59
CA ILE A 23 0.01 -0.69 -10.69
C ILE A 23 0.63 -1.86 -11.43
N GLU A 24 0.78 -2.98 -10.73
CA GLU A 24 1.35 -4.19 -11.33
C GLU A 24 0.50 -4.68 -12.49
N HIS A 25 -0.82 -4.64 -12.31
CA HIS A 25 -1.75 -5.08 -13.34
C HIS A 25 -2.13 -3.93 -14.27
N VAL A 26 -2.38 -2.77 -13.68
CA VAL A 26 -2.75 -1.58 -14.45
C VAL A 26 -1.69 -1.26 -15.49
N LEU A 27 -0.43 -1.31 -15.09
CA LEU A 27 0.68 -1.03 -15.99
C LEU A 27 0.88 -2.16 -16.99
N LEU A 28 0.77 -3.39 -16.50
CA LEU A 28 0.95 -4.57 -17.36
C LEU A 28 -0.14 -4.62 -18.43
N ARG A 29 -1.31 -4.11 -18.09
CA ARG A 29 -2.44 -4.11 -19.02
C ARG A 29 -2.62 -2.72 -19.66
N ARG A 30 -1.55 -1.94 -19.64
CA ARG A 30 -1.58 -0.59 -20.21
C ARG A 30 -2.12 -0.61 -21.63
N PRO A 31 -2.59 0.54 -22.12
CA PRO A 31 -3.14 0.68 -23.47
C PRO A 31 -2.07 0.54 -24.54
N SER A 1 8.45 4.15 17.77
CA SER A 1 8.43 5.56 18.13
C SER A 1 7.30 5.87 19.11
N ALA A 2 6.16 5.23 18.90
CA ALA A 2 5.01 5.42 19.77
C ALA A 2 3.89 4.45 19.43
N GLN A 3 2.80 4.51 20.18
CA GLN A 3 1.65 3.63 19.96
C GLN A 3 0.68 4.24 18.96
N GLU A 4 0.45 5.55 19.09
CA GLU A 4 -0.47 6.25 18.20
C GLU A 4 0.02 6.19 16.75
N GLU A 5 1.25 6.64 16.54
CA GLU A 5 1.85 6.65 15.20
C GLU A 5 1.80 5.25 14.58
N ALA A 6 2.09 4.25 15.39
CA ALA A 6 2.08 2.86 14.92
C ALA A 6 0.67 2.42 14.57
N GLU A 7 -0.31 2.86 15.35
CA GLU A 7 -1.70 2.51 15.12
C GLU A 7 -2.11 2.82 13.69
N ALA A 8 -1.58 3.92 13.14
CA ALA A 8 -1.89 4.31 11.78
C ALA A 8 -0.90 3.70 10.78
N GLU A 9 0.35 3.56 11.20
CA GLU A 9 1.38 2.98 10.36
C GLU A 9 0.93 1.63 9.81
N GLU A 10 0.43 0.78 10.69
CA GLU A 10 -0.04 -0.55 10.29
C GLU A 10 -1.02 -0.46 9.14
N ARG A 11 -1.88 0.56 9.18
CA ARG A 11 -2.88 0.76 8.14
C ARG A 11 -2.22 1.16 6.83
N ARG A 12 -1.19 1.99 6.92
CA ARG A 12 -0.47 2.46 5.73
C ARG A 12 0.10 1.29 4.95
N LEU A 13 0.59 0.29 5.67
CA LEU A 13 1.18 -0.89 5.05
C LEU A 13 0.20 -1.52 4.05
N GLN A 14 -1.07 -1.55 4.41
CA GLN A 14 -2.11 -2.11 3.56
C GLN A 14 -2.22 -1.33 2.25
N GLU A 15 -2.25 0.00 2.37
CA GLU A 15 -2.35 0.86 1.20
C GLU A 15 -1.28 0.51 0.17
N GLN A 16 -0.07 0.26 0.64
CA GLN A 16 1.04 -0.09 -0.24
C GLN A 16 0.70 -1.30 -1.09
N GLU A 17 0.21 -2.35 -0.46
CA GLU A 17 -0.15 -3.57 -1.16
C GLU A 17 -1.35 -3.34 -2.07
N GLU A 18 -2.35 -2.61 -1.57
CA GLU A 18 -3.54 -2.30 -2.34
C GLU A 18 -3.18 -1.70 -3.70
N LEU A 19 -2.20 -0.81 -3.70
CA LEU A 19 -1.76 -0.16 -4.94
C LEU A 19 -0.78 -1.05 -5.70
N GLU A 20 -0.11 -1.95 -4.97
CA GLU A 20 0.86 -2.85 -5.59
C GLU A 20 0.24 -3.57 -6.78
N ASN A 21 -1.06 -3.83 -6.71
CA ASN A 21 -1.76 -4.50 -7.79
C ASN A 21 -2.11 -3.53 -8.92
N TYR A 22 -2.34 -2.27 -8.55
CA TYR A 22 -2.68 -1.24 -9.52
C TYR A 22 -1.61 -1.15 -10.62
N ILE A 23 -0.43 -0.66 -10.24
CA ILE A 23 0.67 -0.52 -11.18
C ILE A 23 1.08 -1.87 -11.76
N GLU A 24 0.81 -2.94 -11.00
CA GLU A 24 1.15 -4.29 -11.44
C GLU A 24 0.29 -4.71 -12.63
N HIS A 25 -0.97 -4.30 -12.61
CA HIS A 25 -1.89 -4.63 -13.69
C HIS A 25 -1.85 -3.58 -14.79
N VAL A 26 -1.98 -2.31 -14.40
CA VAL A 26 -1.95 -1.21 -15.35
C VAL A 26 -0.72 -1.30 -16.26
N LEU A 27 0.45 -1.46 -15.64
CA LEU A 27 1.69 -1.55 -16.39
C LEU A 27 1.73 -2.83 -17.23
N LEU A 28 1.28 -3.92 -16.64
CA LEU A 28 1.25 -5.21 -17.33
C LEU A 28 0.38 -5.13 -18.59
N ARG A 29 -0.65 -4.30 -18.54
CA ARG A 29 -1.55 -4.13 -19.66
C ARG A 29 -1.04 -3.07 -20.63
N ARG A 30 -0.43 -2.01 -20.08
CA ARG A 30 0.11 -0.93 -20.89
C ARG A 30 1.53 -0.60 -20.47
N PRO A 31 2.48 -1.49 -20.83
CA PRO A 31 3.89 -1.31 -20.50
C PRO A 31 4.53 -0.17 -21.28
N SER A 1 10.25 4.72 15.08
CA SER A 1 9.99 3.95 16.29
C SER A 1 8.95 4.65 17.16
N ALA A 2 7.96 5.26 16.52
CA ALA A 2 6.90 5.96 17.23
C ALA A 2 5.62 5.13 17.26
N GLN A 3 5.06 4.94 18.46
CA GLN A 3 3.85 4.17 18.63
C GLN A 3 2.73 4.71 17.75
N GLU A 4 2.60 6.04 17.72
CA GLU A 4 1.57 6.69 16.92
C GLU A 4 1.62 6.21 15.48
N GLU A 5 2.81 6.20 14.90
CA GLU A 5 2.99 5.76 13.52
C GLU A 5 2.55 4.31 13.34
N ALA A 6 2.80 3.49 14.37
CA ALA A 6 2.42 2.09 14.33
C ALA A 6 0.94 1.92 14.04
N GLU A 7 0.12 2.74 14.70
CA GLU A 7 -1.33 2.68 14.52
C GLU A 7 -1.70 2.94 13.06
N ALA A 8 -1.15 4.01 12.49
CA ALA A 8 -1.42 4.36 11.10
C ALA A 8 -0.86 3.32 10.15
N GLU A 9 0.30 2.77 10.50
CA GLU A 9 0.94 1.75 9.66
C GLU A 9 -0.04 0.61 9.35
N GLU A 10 -0.88 0.27 10.31
CA GLU A 10 -1.86 -0.80 10.13
C GLU A 10 -2.70 -0.56 8.88
N ARG A 11 -3.23 0.65 8.75
CA ARG A 11 -4.06 1.02 7.61
C ARG A 11 -3.20 1.30 6.38
N ARG A 12 -2.14 2.09 6.59
CA ARG A 12 -1.24 2.44 5.50
C ARG A 12 -0.75 1.18 4.76
N LEU A 13 -0.55 0.11 5.52
CA LEU A 13 -0.08 -1.14 4.94
C LEU A 13 -1.21 -1.84 4.17
N GLN A 14 -2.42 -1.72 4.68
CA GLN A 14 -3.58 -2.33 4.04
C GLN A 14 -3.76 -1.80 2.61
N GLU A 15 -3.94 -0.48 2.50
CA GLU A 15 -4.12 0.13 1.19
C GLU A 15 -3.02 -0.27 0.23
N GLN A 16 -1.80 -0.41 0.76
CA GLN A 16 -0.65 -0.80 -0.05
C GLN A 16 -0.78 -2.24 -0.53
N GLU A 17 -1.36 -3.09 0.31
CA GLU A 17 -1.53 -4.49 -0.02
C GLU A 17 -2.40 -4.64 -1.27
N GLU A 18 -3.39 -3.76 -1.42
CA GLU A 18 -4.27 -3.80 -2.57
C GLU A 18 -3.74 -2.93 -3.71
N LEU A 19 -3.11 -1.81 -3.34
CA LEU A 19 -2.55 -0.90 -4.33
C LEU A 19 -1.40 -1.55 -5.08
N GLU A 20 -0.60 -2.33 -4.38
CA GLU A 20 0.54 -3.01 -4.98
C GLU A 20 0.11 -3.81 -6.20
N ASN A 21 -1.12 -4.33 -6.17
CA ASN A 21 -1.66 -5.11 -7.28
C ASN A 21 -2.16 -4.20 -8.39
N TYR A 22 -2.61 -3.01 -8.02
CA TYR A 22 -3.11 -2.04 -8.99
C TYR A 22 -2.06 -1.73 -10.05
N ILE A 23 -1.01 -1.01 -9.65
CA ILE A 23 0.07 -0.65 -10.55
C ILE A 23 0.74 -1.89 -11.13
N GLU A 24 0.66 -3.00 -10.40
CA GLU A 24 1.26 -4.25 -10.84
C GLU A 24 0.79 -4.61 -12.24
N HIS A 25 -0.52 -4.78 -12.39
CA HIS A 25 -1.10 -5.14 -13.68
C HIS A 25 -1.04 -3.96 -14.65
N VAL A 26 -1.37 -2.78 -14.15
CA VAL A 26 -1.36 -1.56 -14.97
C VAL A 26 -0.02 -1.41 -15.68
N LEU A 27 1.04 -1.26 -14.89
CA LEU A 27 2.39 -1.10 -15.45
C LEU A 27 2.77 -2.31 -16.30
N LEU A 28 2.33 -3.48 -15.88
CA LEU A 28 2.63 -4.71 -16.61
C LEU A 28 2.09 -4.65 -18.03
N ARG A 29 0.98 -3.93 -18.20
CA ARG A 29 0.36 -3.80 -19.52
C ARG A 29 0.85 -2.53 -20.22
N ARG A 30 1.09 -1.48 -19.45
CA ARG A 30 1.56 -0.21 -20.00
C ARG A 30 1.78 0.82 -18.90
N PRO A 31 2.63 1.82 -19.18
CA PRO A 31 2.96 2.87 -18.23
C PRO A 31 1.78 3.82 -17.99
N SER A 1 6.54 5.02 20.93
CA SER A 1 6.07 4.48 22.21
C SER A 1 4.55 4.37 22.21
N ALA A 2 3.88 5.43 21.76
CA ALA A 2 2.42 5.44 21.72
C ALA A 2 1.88 4.32 20.84
N GLN A 3 0.78 3.72 21.27
CA GLN A 3 0.17 2.63 20.52
C GLN A 3 -0.56 3.16 19.29
N GLU A 4 -1.20 4.31 19.43
CA GLU A 4 -1.94 4.92 18.32
C GLU A 4 -0.99 5.31 17.20
N GLU A 5 0.15 5.89 17.56
CA GLU A 5 1.15 6.31 16.58
C GLU A 5 1.62 5.13 15.74
N ALA A 6 1.75 3.97 16.38
CA ALA A 6 2.18 2.76 15.69
C ALA A 6 1.23 2.38 14.56
N GLU A 7 -0.06 2.59 14.80
CA GLU A 7 -1.08 2.28 13.80
C GLU A 7 -0.86 3.09 12.53
N ALA A 8 -0.43 4.33 12.69
CA ALA A 8 -0.18 5.22 11.56
C ALA A 8 0.74 4.55 10.54
N GLU A 9 1.70 3.77 11.04
CA GLU A 9 2.64 3.09 10.17
C GLU A 9 1.94 2.04 9.31
N GLU A 10 1.08 1.25 9.95
CA GLU A 10 0.34 0.21 9.24
C GLU A 10 -0.45 0.79 8.07
N ARG A 11 -1.00 1.98 8.27
CA ARG A 11 -1.77 2.65 7.23
C ARG A 11 -0.99 2.72 5.93
N ARG A 12 0.32 2.94 6.05
CA ARG A 12 1.18 3.04 4.88
C ARG A 12 1.51 1.65 4.33
N LEU A 13 1.67 0.69 5.22
CA LEU A 13 1.98 -0.68 4.83
C LEU A 13 0.88 -1.26 3.96
N GLN A 14 -0.35 -1.26 4.48
CA GLN A 14 -1.49 -1.79 3.75
C GLN A 14 -1.62 -1.11 2.39
N GLU A 15 -1.35 0.19 2.36
CA GLU A 15 -1.44 0.95 1.12
C GLU A 15 -0.59 0.32 0.02
N GLN A 16 0.72 0.31 0.23
CA GLN A 16 1.65 -0.26 -0.74
C GLN A 16 1.32 -1.73 -1.00
N GLU A 17 0.89 -2.44 0.03
CA GLU A 17 0.53 -3.84 -0.09
C GLU A 17 -0.53 -4.05 -1.16
N GLU A 18 -1.46 -3.09 -1.25
CA GLU A 18 -2.54 -3.17 -2.24
C GLU A 18 -2.14 -2.49 -3.54
N LEU A 19 -1.37 -1.41 -3.43
CA LEU A 19 -0.92 -0.67 -4.60
C LEU A 19 -0.04 -1.54 -5.48
N GLU A 20 0.76 -2.40 -4.87
CA GLU A 20 1.65 -3.29 -5.59
C GLU A 20 0.88 -4.05 -6.68
N ASN A 21 -0.39 -4.34 -6.41
CA ASN A 21 -1.23 -5.06 -7.36
C ASN A 21 -1.84 -4.10 -8.38
N TYR A 22 -2.09 -2.87 -7.94
CA TYR A 22 -2.68 -1.86 -8.82
C TYR A 22 -1.89 -1.75 -10.13
N ILE A 23 -0.67 -1.22 -10.04
CA ILE A 23 0.17 -1.06 -11.21
C ILE A 23 0.46 -2.40 -11.87
N GLU A 24 0.40 -3.47 -11.08
CA GLU A 24 0.65 -4.81 -11.59
C GLU A 24 -0.19 -5.11 -12.82
N HIS A 25 -1.51 -5.07 -12.65
CA HIS A 25 -2.44 -5.33 -13.75
C HIS A 25 -2.41 -4.18 -14.76
N VAL A 26 -2.39 -2.95 -14.25
CA VAL A 26 -2.37 -1.78 -15.10
C VAL A 26 -1.24 -1.86 -16.12
N LEU A 27 -0.01 -1.86 -15.64
CA LEU A 27 1.16 -1.94 -16.51
C LEU A 27 1.12 -3.21 -17.36
N LEU A 28 0.61 -4.28 -16.78
CA LEU A 28 0.52 -5.56 -17.48
C LEU A 28 -0.35 -5.43 -18.73
N ARG A 29 -1.33 -4.53 -18.67
CA ARG A 29 -2.23 -4.31 -19.80
C ARG A 29 -1.72 -3.16 -20.68
N ARG A 30 -1.14 -2.16 -20.05
CA ARG A 30 -0.61 -1.00 -20.78
C ARG A 30 0.07 -0.02 -19.83
N PRO A 31 1.01 0.76 -20.37
CA PRO A 31 1.76 1.76 -19.59
C PRO A 31 0.88 2.93 -19.16
N SER A 1 7.07 12.63 17.37
CA SER A 1 6.48 11.33 17.67
C SER A 1 4.95 11.42 17.67
N ALA A 2 4.30 10.29 17.37
CA ALA A 2 2.85 10.24 17.35
C ALA A 2 2.35 8.80 17.39
N GLN A 3 1.29 8.57 18.17
CA GLN A 3 0.72 7.23 18.29
C GLN A 3 0.11 6.78 16.97
N GLU A 4 -0.50 7.71 16.24
CA GLU A 4 -1.13 7.40 14.97
C GLU A 4 -0.14 6.69 14.03
N GLU A 5 1.12 7.10 14.10
CA GLU A 5 2.16 6.51 13.27
C GLU A 5 2.16 4.99 13.39
N ALA A 6 1.96 4.51 14.62
CA ALA A 6 1.94 3.06 14.87
C ALA A 6 0.83 2.38 14.08
N GLU A 7 -0.41 2.83 14.30
CA GLU A 7 -1.56 2.27 13.61
C GLU A 7 -1.37 2.33 12.09
N ALA A 8 -0.74 3.41 11.63
CA ALA A 8 -0.50 3.58 10.20
C ALA A 8 0.57 2.62 9.70
N GLU A 9 1.57 2.36 10.55
CA GLU A 9 2.65 1.45 10.19
C GLU A 9 2.11 0.10 9.71
N GLU A 10 1.50 -0.65 10.63
CA GLU A 10 0.94 -1.95 10.30
C GLU A 10 0.00 -1.85 9.10
N ARG A 11 -0.73 -0.75 9.03
CA ARG A 11 -1.67 -0.53 7.93
C ARG A 11 -0.95 -0.54 6.58
N ARG A 12 0.26 0.00 6.56
CA ARG A 12 1.05 0.04 5.34
C ARG A 12 1.16 -1.34 4.70
N LEU A 13 1.32 -2.36 5.55
CA LEU A 13 1.43 -3.73 5.06
C LEU A 13 0.16 -4.17 4.35
N GLN A 14 -0.99 -3.76 4.90
CA GLN A 14 -2.27 -4.11 4.31
C GLN A 14 -2.49 -3.37 2.99
N GLU A 15 -2.33 -2.05 3.02
CA GLU A 15 -2.50 -1.23 1.83
C GLU A 15 -1.55 -1.67 0.72
N GLN A 16 -0.32 -2.00 1.11
CA GLN A 16 0.69 -2.43 0.14
C GLN A 16 0.32 -3.78 -0.46
N GLU A 17 -0.27 -4.65 0.35
CA GLU A 17 -0.68 -5.97 -0.11
C GLU A 17 -1.64 -5.86 -1.29
N GLU A 18 -2.50 -4.86 -1.26
CA GLU A 18 -3.47 -4.65 -2.32
C GLU A 18 -2.91 -3.74 -3.40
N LEU A 19 -2.12 -2.75 -2.99
CA LEU A 19 -1.52 -1.81 -3.92
C LEU A 19 -0.62 -2.53 -4.92
N GLU A 20 0.06 -3.58 -4.45
CA GLU A 20 0.96 -4.35 -5.31
C GLU A 20 0.25 -4.77 -6.59
N ASN A 21 -1.06 -5.01 -6.49
CA ASN A 21 -1.85 -5.43 -7.64
C ASN A 21 -2.31 -4.22 -8.45
N TYR A 22 -2.52 -3.10 -7.76
CA TYR A 22 -2.95 -1.87 -8.42
C TYR A 22 -2.06 -1.53 -9.60
N ILE A 23 -0.83 -1.15 -9.31
CA ILE A 23 0.14 -0.79 -10.34
C ILE A 23 0.40 -1.97 -11.28
N GLU A 24 0.19 -3.18 -10.76
CA GLU A 24 0.41 -4.39 -11.55
C GLU A 24 -0.34 -4.32 -12.87
N HIS A 25 -1.61 -3.92 -12.81
CA HIS A 25 -2.43 -3.81 -14.00
C HIS A 25 -2.26 -2.44 -14.65
N VAL A 26 -2.27 -1.39 -13.83
CA VAL A 26 -2.11 -0.03 -14.33
C VAL A 26 -0.88 0.09 -15.22
N LEU A 27 0.21 -0.53 -14.81
CA LEU A 27 1.45 -0.49 -15.58
C LEU A 27 1.41 -1.49 -16.72
N LEU A 28 0.80 -2.64 -16.48
CA LEU A 28 0.69 -3.69 -17.50
C LEU A 28 -0.12 -3.20 -18.69
N ARG A 29 -1.06 -2.29 -18.44
CA ARG A 29 -1.90 -1.75 -19.50
C ARG A 29 -1.34 -0.42 -20.00
N ARG A 30 -0.79 0.37 -19.08
CA ARG A 30 -0.21 1.66 -19.43
C ARG A 30 -1.21 2.50 -20.23
N PRO A 31 -2.21 3.05 -19.53
CA PRO A 31 -3.25 3.89 -20.16
C PRO A 31 -2.71 5.23 -20.63
N SER A 1 8.93 5.82 19.18
CA SER A 1 7.91 4.96 18.57
C SER A 1 6.95 4.42 19.61
N ALA A 2 5.68 4.76 19.48
CA ALA A 2 4.65 4.31 20.41
C ALA A 2 3.59 3.47 19.71
N GLN A 3 2.73 2.83 20.49
CA GLN A 3 1.68 1.99 19.94
C GLN A 3 0.74 2.81 19.06
N GLU A 4 0.48 4.05 19.47
CA GLU A 4 -0.40 4.94 18.73
C GLU A 4 0.16 5.22 17.34
N GLU A 5 1.29 5.91 17.29
CA GLU A 5 1.93 6.26 16.03
C GLU A 5 2.12 5.02 15.17
N ALA A 6 2.54 3.92 15.79
CA ALA A 6 2.77 2.67 15.08
C ALA A 6 1.46 2.12 14.51
N GLU A 7 0.38 2.31 15.25
CA GLU A 7 -0.94 1.83 14.82
C GLU A 7 -1.34 2.49 13.51
N ALA A 8 -1.19 3.81 13.43
CA ALA A 8 -1.55 4.55 12.23
C ALA A 8 -0.61 4.20 11.08
N GLU A 9 0.66 3.96 11.40
CA GLU A 9 1.65 3.62 10.39
C GLU A 9 1.17 2.46 9.53
N GLU A 10 0.47 1.52 10.14
CA GLU A 10 -0.05 0.36 9.43
C GLU A 10 -1.15 0.77 8.44
N ARG A 11 -1.90 1.80 8.80
CA ARG A 11 -2.97 2.28 7.95
C ARG A 11 -2.49 2.50 6.52
N ARG A 12 -1.62 3.50 6.35
CA ARG A 12 -1.07 3.82 5.04
C ARG A 12 -0.48 2.58 4.38
N LEU A 13 0.19 1.75 5.18
CA LEU A 13 0.80 0.53 4.68
C LEU A 13 -0.22 -0.34 3.94
N GLN A 14 -1.43 -0.43 4.52
CA GLN A 14 -2.49 -1.22 3.92
C GLN A 14 -2.80 -0.74 2.51
N GLU A 15 -2.96 0.57 2.35
CA GLU A 15 -3.26 1.16 1.04
C GLU A 15 -2.26 0.69 0.00
N GLN A 16 -0.98 0.74 0.35
CA GLN A 16 0.09 0.34 -0.55
C GLN A 16 0.05 -1.17 -0.80
N GLU A 17 -0.33 -1.92 0.22
CA GLU A 17 -0.40 -3.38 0.11
C GLU A 17 -1.40 -3.78 -0.96
N GLU A 18 -2.47 -3.01 -1.09
CA GLU A 18 -3.51 -3.30 -2.08
C GLU A 18 -3.22 -2.57 -3.39
N LEU A 19 -2.67 -1.37 -3.28
CA LEU A 19 -2.34 -0.58 -4.46
C LEU A 19 -1.22 -1.22 -5.26
N GLU A 20 -0.28 -1.86 -4.57
CA GLU A 20 0.83 -2.53 -5.23
C GLU A 20 0.34 -3.48 -6.31
N ASN A 21 -0.86 -4.02 -6.11
CA ASN A 21 -1.45 -4.95 -7.07
C ASN A 21 -2.15 -4.20 -8.20
N TYR A 22 -2.66 -3.01 -7.88
CA TYR A 22 -3.36 -2.20 -8.87
C TYR A 22 -2.47 -1.96 -10.09
N ILE A 23 -1.44 -1.14 -9.92
CA ILE A 23 -0.53 -0.83 -11.01
C ILE A 23 0.10 -2.09 -11.58
N GLU A 24 0.17 -3.14 -10.77
CA GLU A 24 0.74 -4.41 -11.20
C GLU A 24 0.10 -4.88 -12.49
N HIS A 25 -1.22 -4.74 -12.59
CA HIS A 25 -1.95 -5.14 -13.78
C HIS A 25 -1.89 -4.07 -14.86
N VAL A 26 -2.20 -2.83 -14.47
CA VAL A 26 -2.18 -1.72 -15.40
C VAL A 26 -0.84 -1.65 -16.15
N LEU A 27 0.25 -1.51 -15.41
CA LEU A 27 1.57 -1.44 -16.00
C LEU A 27 1.86 -2.67 -16.85
N LEU A 28 1.36 -3.81 -16.40
CA LEU A 28 1.56 -5.07 -17.12
C LEU A 28 0.80 -5.06 -18.44
N ARG A 29 -0.33 -4.36 -18.47
CA ARG A 29 -1.14 -4.27 -19.68
C ARG A 29 -0.62 -3.18 -20.61
N ARG A 30 -0.13 -2.08 -20.02
CA ARG A 30 0.39 -0.97 -20.80
C ARG A 30 -0.66 -0.41 -21.74
N PRO A 31 -1.68 0.25 -21.17
CA PRO A 31 -2.77 0.84 -21.94
C PRO A 31 -2.33 2.04 -22.76
N SER A 1 6.67 10.06 16.33
CA SER A 1 6.61 10.38 17.75
C SER A 1 5.16 10.42 18.24
N ALA A 2 4.47 9.29 18.10
CA ALA A 2 3.08 9.20 18.54
C ALA A 2 2.67 7.74 18.73
N GLN A 3 2.06 7.45 19.88
CA GLN A 3 1.62 6.10 20.18
C GLN A 3 0.66 5.58 19.12
N GLU A 4 -0.17 6.49 18.59
CA GLU A 4 -1.15 6.11 17.57
C GLU A 4 -0.45 5.82 16.24
N GLU A 5 0.61 6.59 15.96
CA GLU A 5 1.36 6.40 14.72
C GLU A 5 2.08 5.06 14.71
N ALA A 6 2.66 4.69 15.85
CA ALA A 6 3.38 3.43 15.97
C ALA A 6 2.52 2.27 15.48
N GLU A 7 1.22 2.33 15.77
CA GLU A 7 0.30 1.27 15.37
C GLU A 7 -0.29 1.57 14.00
N ALA A 8 -0.52 2.85 13.72
CA ALA A 8 -1.08 3.25 12.44
C ALA A 8 -0.30 2.66 11.27
N GLU A 9 1.00 2.49 11.47
CA GLU A 9 1.87 1.92 10.44
C GLU A 9 1.28 0.62 9.90
N GLU A 10 0.64 -0.14 10.77
CA GLU A 10 0.05 -1.41 10.38
C GLU A 10 -0.87 -1.23 9.17
N ARG A 11 -1.70 -0.20 9.22
CA ARG A 11 -2.63 0.08 8.13
C ARG A 11 -1.89 0.58 6.89
N ARG A 12 -0.83 1.35 7.12
CA ARG A 12 -0.03 1.89 6.03
C ARG A 12 0.41 0.78 5.07
N LEU A 13 0.72 -0.38 5.63
CA LEU A 13 1.15 -1.52 4.83
C LEU A 13 0.04 -1.97 3.87
N GLN A 14 -1.20 -1.89 4.34
CA GLN A 14 -2.35 -2.29 3.54
C GLN A 14 -2.34 -1.57 2.19
N GLU A 15 -2.04 -0.28 2.22
CA GLU A 15 -2.01 0.52 1.00
C GLU A 15 -1.10 -0.13 -0.05
N GLN A 16 0.09 -0.54 0.38
CA GLN A 16 1.05 -1.17 -0.52
C GLN A 16 0.57 -2.57 -0.93
N GLU A 17 -0.07 -3.26 0.00
CA GLU A 17 -0.58 -4.60 -0.27
C GLU A 17 -1.56 -4.59 -1.44
N GLU A 18 -2.36 -3.52 -1.53
CA GLU A 18 -3.33 -3.39 -2.60
C GLU A 18 -2.74 -2.66 -3.80
N LEU A 19 -1.87 -1.70 -3.53
CA LEU A 19 -1.23 -0.92 -4.58
C LEU A 19 -0.40 -1.83 -5.49
N GLU A 20 0.23 -2.84 -4.90
CA GLU A 20 1.04 -3.78 -5.67
C GLU A 20 0.26 -4.36 -6.84
N ASN A 21 -1.06 -4.45 -6.67
CA ASN A 21 -1.92 -4.98 -7.72
C ASN A 21 -2.26 -3.91 -8.75
N TYR A 22 -2.32 -2.66 -8.29
CA TYR A 22 -2.63 -1.54 -9.17
C TYR A 22 -1.68 -1.50 -10.36
N ILE A 23 -0.44 -1.13 -10.10
CA ILE A 23 0.57 -1.05 -11.15
C ILE A 23 0.73 -2.39 -11.87
N GLU A 24 0.40 -3.47 -11.17
CA GLU A 24 0.49 -4.80 -11.74
C GLU A 24 -0.49 -4.98 -12.89
N HIS A 25 -1.67 -4.39 -12.75
CA HIS A 25 -2.71 -4.48 -13.78
C HIS A 25 -2.55 -3.36 -14.81
N VAL A 26 -2.17 -2.18 -14.32
CA VAL A 26 -2.00 -1.02 -15.20
C VAL A 26 -0.81 -1.23 -16.14
N LEU A 27 0.33 -1.62 -15.57
CA LEU A 27 1.53 -1.84 -16.36
C LEU A 27 1.35 -3.02 -17.31
N LEU A 28 0.60 -4.03 -16.86
CA LEU A 28 0.34 -5.21 -17.68
C LEU A 28 -0.54 -4.87 -18.87
N ARG A 29 -1.40 -3.88 -18.69
CA ARG A 29 -2.30 -3.44 -19.76
C ARG A 29 -1.59 -2.51 -20.73
N ARG A 30 -0.77 -1.62 -20.18
CA ARG A 30 -0.03 -0.67 -21.00
C ARG A 30 1.35 -0.37 -20.39
N PRO A 31 2.28 0.09 -21.23
CA PRO A 31 3.64 0.41 -20.80
C PRO A 31 3.68 1.66 -19.91
N SER A 1 8.68 6.78 20.89
CA SER A 1 7.89 6.56 19.69
C SER A 1 6.44 6.97 19.92
N ALA A 2 5.81 7.53 18.89
CA ALA A 2 4.43 7.96 18.98
C ALA A 2 3.48 6.86 18.52
N GLN A 3 2.50 6.53 19.36
CA GLN A 3 1.53 5.50 19.04
C GLN A 3 0.85 5.78 17.72
N GLU A 4 0.60 7.06 17.45
CA GLU A 4 -0.07 7.46 16.21
C GLU A 4 0.75 7.04 15.00
N GLU A 5 2.06 7.26 15.06
CA GLU A 5 2.95 6.88 13.96
C GLU A 5 2.86 5.39 13.67
N ALA A 6 2.71 4.59 14.71
CA ALA A 6 2.62 3.15 14.57
C ALA A 6 1.24 2.74 14.05
N GLU A 7 0.20 3.41 14.53
CA GLU A 7 -1.16 3.12 14.11
C GLU A 7 -1.32 3.31 12.61
N ALA A 8 -0.69 4.35 12.08
CA ALA A 8 -0.76 4.66 10.66
C ALA A 8 -0.05 3.59 9.84
N GLU A 9 1.10 3.13 10.33
CA GLU A 9 1.88 2.11 9.65
C GLU A 9 1.02 0.89 9.33
N GLU A 10 0.18 0.50 10.27
CA GLU A 10 -0.69 -0.65 10.09
C GLU A 10 -1.51 -0.51 8.81
N ARG A 11 -2.24 0.60 8.69
CA ARG A 11 -3.06 0.85 7.51
C ARG A 11 -2.23 0.76 6.24
N ARG A 12 -1.00 1.25 6.31
CA ARG A 12 -0.10 1.23 5.16
C ARG A 12 0.33 -0.20 4.82
N LEU A 13 0.53 -1.01 5.86
CA LEU A 13 0.94 -2.39 5.68
C LEU A 13 -0.05 -3.15 4.78
N GLN A 14 -1.30 -3.20 5.21
CA GLN A 14 -2.34 -3.88 4.44
C GLN A 14 -2.59 -3.17 3.11
N GLU A 15 -2.50 -1.85 3.13
CA GLU A 15 -2.71 -1.05 1.93
C GLU A 15 -1.72 -1.44 0.83
N GLN A 16 -0.49 -1.76 1.24
CA GLN A 16 0.56 -2.14 0.30
C GLN A 16 0.24 -3.49 -0.33
N GLU A 17 -0.36 -4.38 0.45
CA GLU A 17 -0.70 -5.70 -0.04
C GLU A 17 -1.63 -5.62 -1.25
N GLU A 18 -2.54 -4.66 -1.22
CA GLU A 18 -3.50 -4.46 -2.31
C GLU A 18 -2.93 -3.49 -3.36
N LEU A 19 -2.20 -2.49 -2.88
CA LEU A 19 -1.61 -1.49 -3.76
C LEU A 19 -0.63 -2.15 -4.75
N GLU A 20 0.13 -3.12 -4.27
CA GLU A 20 1.09 -3.82 -5.11
C GLU A 20 0.42 -4.33 -6.38
N ASN A 21 -0.85 -4.69 -6.29
CA ASN A 21 -1.59 -5.19 -7.43
C ASN A 21 -2.09 -4.04 -8.30
N TYR A 22 -2.38 -2.91 -7.67
CA TYR A 22 -2.86 -1.73 -8.39
C TYR A 22 -1.92 -1.37 -9.53
N ILE A 23 -0.73 -0.87 -9.17
CA ILE A 23 0.25 -0.48 -10.17
C ILE A 23 0.67 -1.67 -11.03
N GLU A 24 0.53 -2.87 -10.47
CA GLU A 24 0.90 -4.09 -11.18
C GLU A 24 0.03 -4.27 -12.43
N HIS A 25 -1.25 -3.95 -12.30
CA HIS A 25 -2.19 -4.08 -13.42
C HIS A 25 -2.20 -2.81 -14.25
N VAL A 26 -2.33 -1.66 -13.58
CA VAL A 26 -2.36 -0.38 -14.27
C VAL A 26 -1.17 -0.22 -15.20
N LEU A 27 0.02 -0.48 -14.68
CA LEU A 27 1.24 -0.35 -15.47
C LEU A 27 1.28 -1.42 -16.56
N LEU A 28 0.90 -2.64 -16.21
CA LEU A 28 0.88 -3.75 -17.17
C LEU A 28 -0.05 -3.44 -18.34
N ARG A 29 -1.10 -2.68 -18.06
CA ARG A 29 -2.08 -2.32 -19.09
C ARG A 29 -1.76 -0.94 -19.68
N ARG A 30 -0.50 -0.52 -19.54
CA ARG A 30 -0.07 0.78 -20.04
C ARG A 30 -0.82 1.91 -19.36
N PRO A 31 -0.24 3.13 -19.43
CA PRO A 31 -0.84 4.32 -18.82
C PRO A 31 -2.11 4.76 -19.52
N SER A 1 7.98 8.82 19.58
CA SER A 1 6.85 8.25 20.30
C SER A 1 5.53 8.78 19.74
N ALA A 2 5.12 8.24 18.60
CA ALA A 2 3.87 8.65 17.96
C ALA A 2 2.84 7.52 17.98
N GLN A 3 1.60 7.87 18.26
CA GLN A 3 0.52 6.88 18.30
C GLN A 3 0.07 6.50 16.90
N GLU A 4 0.04 7.48 16.01
CA GLU A 4 -0.37 7.25 14.63
C GLU A 4 0.59 6.28 13.93
N GLU A 5 1.86 6.38 14.27
CA GLU A 5 2.88 5.51 13.67
C GLU A 5 2.60 4.06 13.99
N ALA A 6 2.10 3.80 15.19
CA ALA A 6 1.77 2.44 15.61
C ALA A 6 0.84 1.76 14.62
N GLU A 7 -0.42 2.22 14.59
CA GLU A 7 -1.41 1.66 13.70
C GLU A 7 -0.96 1.78 12.24
N ALA A 8 -0.26 2.86 11.93
CA ALA A 8 0.23 3.09 10.57
C ALA A 8 1.02 1.88 10.07
N GLU A 9 1.75 1.24 10.97
CA GLU A 9 2.55 0.08 10.61
C GLU A 9 1.71 -0.95 9.88
N GLU A 10 0.79 -1.59 10.60
CA GLU A 10 -0.08 -2.59 10.01
C GLU A 10 -1.01 -1.98 8.96
N ARG A 11 -1.55 -0.80 9.29
CA ARG A 11 -2.46 -0.12 8.38
C ARG A 11 -1.84 0.02 6.99
N ARG A 12 -0.80 0.85 6.89
CA ARG A 12 -0.12 1.08 5.63
C ARG A 12 0.34 -0.24 5.01
N LEU A 13 0.86 -1.12 5.86
CA LEU A 13 1.34 -2.43 5.40
C LEU A 13 0.27 -3.15 4.58
N GLN A 14 -0.96 -3.13 5.09
CA GLN A 14 -2.07 -3.79 4.41
C GLN A 14 -2.40 -3.08 3.09
N GLU A 15 -2.50 -1.75 3.15
CA GLU A 15 -2.80 -0.97 1.97
C GLU A 15 -1.81 -1.25 0.85
N GLN A 16 -0.54 -1.43 1.22
CA GLN A 16 0.51 -1.72 0.25
C GLN A 16 0.35 -3.11 -0.34
N GLU A 17 -0.08 -4.05 0.50
CA GLU A 17 -0.29 -5.43 0.06
C GLU A 17 -1.26 -5.49 -1.12
N GLU A 18 -2.27 -4.63 -1.08
CA GLU A 18 -3.28 -4.59 -2.13
C GLU A 18 -2.88 -3.60 -3.23
N LEU A 19 -2.24 -2.52 -2.83
CA LEU A 19 -1.80 -1.49 -3.78
C LEU A 19 -0.78 -2.06 -4.76
N GLU A 20 0.09 -2.93 -4.26
CA GLU A 20 1.11 -3.55 -5.11
C GLU A 20 0.49 -4.18 -6.34
N ASN A 21 -0.74 -4.67 -6.19
CA ASN A 21 -1.46 -5.30 -7.29
C ASN A 21 -2.07 -4.25 -8.22
N TYR A 22 -2.44 -3.11 -7.66
CA TYR A 22 -3.03 -2.03 -8.43
C TYR A 22 -2.12 -1.62 -9.59
N ILE A 23 -1.00 -0.98 -9.24
CA ILE A 23 -0.05 -0.53 -10.25
C ILE A 23 0.48 -1.70 -11.07
N GLU A 24 0.47 -2.89 -10.46
CA GLU A 24 0.95 -4.09 -11.12
C GLU A 24 0.24 -4.30 -12.45
N HIS A 25 -1.09 -4.16 -12.43
CA HIS A 25 -1.89 -4.34 -13.64
C HIS A 25 -2.01 -3.03 -14.40
N VAL A 26 -2.25 -1.93 -13.68
CA VAL A 26 -2.38 -0.62 -14.30
C VAL A 26 -1.18 -0.30 -15.17
N LEU A 27 0.01 -0.64 -14.68
CA LEU A 27 1.24 -0.39 -15.42
C LEU A 27 1.46 -1.44 -16.50
N LEU A 28 1.21 -2.70 -16.16
CA LEU A 28 1.38 -3.81 -17.10
C LEU A 28 0.46 -3.61 -18.31
N ARG A 29 -0.68 -2.98 -18.09
CA ARG A 29 -1.64 -2.75 -19.17
C ARG A 29 -1.53 -1.31 -19.68
N ARG A 30 -0.38 -0.68 -19.44
CA ARG A 30 -0.15 0.69 -19.87
C ARG A 30 1.17 0.80 -20.63
N PRO A 31 1.19 0.29 -21.87
CA PRO A 31 2.38 0.32 -22.72
C PRO A 31 2.71 1.73 -23.20
N SER A 1 9.62 5.40 20.30
CA SER A 1 8.50 4.85 19.56
C SER A 1 7.17 5.36 20.09
N ALA A 2 6.13 5.26 19.29
CA ALA A 2 4.80 5.71 19.69
C ALA A 2 3.71 4.80 19.12
N GLN A 3 2.87 4.28 20.00
CA GLN A 3 1.79 3.39 19.58
C GLN A 3 0.92 4.05 18.51
N GLU A 4 0.68 5.34 18.68
CA GLU A 4 -0.14 6.10 17.74
C GLU A 4 0.47 6.05 16.34
N GLU A 5 1.76 6.38 16.26
CA GLU A 5 2.47 6.38 14.98
C GLU A 5 2.31 5.03 14.27
N ALA A 6 2.55 3.95 15.00
CA ALA A 6 2.44 2.60 14.45
C ALA A 6 1.02 2.33 13.97
N GLU A 7 0.04 2.85 14.70
CA GLU A 7 -1.37 2.66 14.36
C GLU A 7 -1.63 3.10 12.93
N ALA A 8 -0.96 4.17 12.51
CA ALA A 8 -1.13 4.69 11.15
C ALA A 8 -0.27 3.91 10.15
N GLU A 9 0.92 3.52 10.59
CA GLU A 9 1.83 2.77 9.73
C GLU A 9 1.16 1.52 9.19
N GLU A 10 0.58 0.72 10.08
CA GLU A 10 -0.10 -0.51 9.70
C GLU A 10 -1.24 -0.22 8.74
N ARG A 11 -1.97 0.86 8.99
CA ARG A 11 -3.09 1.25 8.13
C ARG A 11 -2.61 1.61 6.74
N ARG A 12 -1.72 2.60 6.66
CA ARG A 12 -1.19 3.05 5.38
C ARG A 12 -0.63 1.87 4.58
N LEU A 13 -0.01 0.93 5.28
CA LEU A 13 0.57 -0.25 4.64
C LEU A 13 -0.48 -1.02 3.86
N GLN A 14 -1.70 -1.09 4.42
CA GLN A 14 -2.79 -1.80 3.76
C GLN A 14 -3.03 -1.27 2.36
N GLU A 15 -3.19 0.05 2.25
CA GLU A 15 -3.43 0.69 0.96
C GLU A 15 -2.36 0.27 -0.05
N GLN A 16 -1.11 0.26 0.39
CA GLN A 16 0.00 -0.11 -0.47
C GLN A 16 -0.03 -1.61 -0.80
N GLU A 17 -0.44 -2.40 0.18
CA GLU A 17 -0.53 -3.85 0.00
C GLU A 17 -1.46 -4.20 -1.16
N GLU A 18 -2.53 -3.42 -1.30
CA GLU A 18 -3.50 -3.65 -2.37
C GLU A 18 -3.13 -2.86 -3.62
N LEU A 19 -2.58 -1.67 -3.42
CA LEU A 19 -2.19 -0.81 -4.53
C LEU A 19 -1.12 -1.48 -5.38
N GLU A 20 -0.22 -2.20 -4.72
CA GLU A 20 0.87 -2.89 -5.43
C GLU A 20 0.31 -3.77 -6.55
N ASN A 21 -0.89 -4.29 -6.34
CA ASN A 21 -1.54 -5.15 -7.34
C ASN A 21 -2.19 -4.31 -8.43
N TYR A 22 -2.62 -3.11 -8.08
CA TYR A 22 -3.27 -2.21 -9.03
C TYR A 22 -2.34 -1.94 -10.22
N ILE A 23 -1.28 -1.18 -9.98
CA ILE A 23 -0.32 -0.85 -11.02
C ILE A 23 0.30 -2.11 -11.62
N GLU A 24 0.33 -3.18 -10.83
CA GLU A 24 0.91 -4.45 -11.28
C GLU A 24 0.29 -4.87 -12.61
N HIS A 25 -1.03 -4.97 -12.65
CA HIS A 25 -1.73 -5.37 -13.85
C HIS A 25 -1.75 -4.23 -14.88
N VAL A 26 -2.01 -3.02 -14.40
CA VAL A 26 -2.06 -1.85 -15.27
C VAL A 26 -0.79 -1.74 -16.10
N LEU A 27 0.33 -1.52 -15.43
CA LEU A 27 1.61 -1.39 -16.11
C LEU A 27 1.90 -2.62 -16.97
N LEU A 28 1.51 -3.79 -16.48
CA LEU A 28 1.71 -5.04 -17.20
C LEU A 28 0.93 -5.05 -18.51
N ARG A 29 -0.21 -4.36 -18.52
CA ARG A 29 -1.04 -4.29 -19.71
C ARG A 29 -0.89 -2.93 -20.39
N ARG A 30 0.21 -2.26 -20.12
CA ARG A 30 0.47 -0.95 -20.71
C ARG A 30 1.93 -0.83 -21.16
N PRO A 31 2.19 0.13 -22.06
CA PRO A 31 3.54 0.37 -22.58
C PRO A 31 4.48 0.95 -21.53
N SER A 1 8.93 1.66 21.19
CA SER A 1 8.19 2.07 19.99
C SER A 1 6.85 2.71 20.37
N ALA A 2 6.45 3.70 19.59
CA ALA A 2 5.19 4.40 19.83
C ALA A 2 4.02 3.66 19.19
N GLN A 3 3.07 3.24 20.01
CA GLN A 3 1.90 2.52 19.51
C GLN A 3 1.21 3.32 18.42
N GLU A 4 1.15 4.63 18.59
CA GLU A 4 0.50 5.51 17.61
C GLU A 4 1.20 5.42 16.26
N GLU A 5 2.53 5.49 16.28
CA GLU A 5 3.32 5.42 15.06
C GLU A 5 3.04 4.12 14.30
N ALA A 6 3.12 3.01 15.02
CA ALA A 6 2.87 1.69 14.41
C ALA A 6 1.47 1.62 13.82
N GLU A 7 0.50 2.17 14.54
CA GLU A 7 -0.89 2.16 14.07
C GLU A 7 -1.03 2.91 12.76
N ALA A 8 -0.60 4.17 12.76
CA ALA A 8 -0.67 5.00 11.56
C ALA A 8 0.06 4.35 10.39
N GLU A 9 1.28 3.90 10.64
CA GLU A 9 2.07 3.26 9.61
C GLU A 9 1.29 2.14 8.93
N GLU A 10 0.48 1.44 9.72
CA GLU A 10 -0.33 0.34 9.19
C GLU A 10 -1.46 0.86 8.30
N ARG A 11 -1.96 2.05 8.63
CA ARG A 11 -3.04 2.65 7.86
C ARG A 11 -2.70 2.69 6.38
N ARG A 12 -1.72 3.52 6.02
CA ARG A 12 -1.30 3.65 4.63
C ARG A 12 -0.83 2.31 4.08
N LEU A 13 -0.18 1.52 4.92
CA LEU A 13 0.32 0.22 4.53
C LEU A 13 -0.78 -0.62 3.88
N GLN A 14 -1.99 -0.51 4.44
CA GLN A 14 -3.13 -1.26 3.91
C GLN A 14 -3.41 -0.88 2.46
N GLU A 15 -3.65 0.39 2.21
CA GLU A 15 -3.93 0.87 0.86
C GLU A 15 -2.79 0.51 -0.08
N GLN A 16 -1.57 0.57 0.42
CA GLN A 16 -0.39 0.24 -0.38
C GLN A 16 -0.34 -1.25 -0.69
N GLU A 17 -0.76 -2.06 0.27
CA GLU A 17 -0.75 -3.51 0.10
C GLU A 17 -1.59 -3.92 -1.11
N GLU A 18 -2.69 -3.21 -1.33
CA GLU A 18 -3.58 -3.50 -2.45
C GLU A 18 -3.17 -2.69 -3.68
N LEU A 19 -2.72 -1.46 -3.45
CA LEU A 19 -2.30 -0.58 -4.54
C LEU A 19 -1.15 -1.19 -5.32
N GLU A 20 -0.24 -1.85 -4.60
CA GLU A 20 0.92 -2.48 -5.24
C GLU A 20 0.48 -3.39 -6.38
N ASN A 21 -0.69 -3.99 -6.25
CA ASN A 21 -1.21 -4.88 -7.27
C ASN A 21 -1.85 -4.09 -8.41
N TYR A 22 -2.41 -2.92 -8.08
CA TYR A 22 -3.04 -2.07 -9.07
C TYR A 22 -2.08 -1.75 -10.21
N ILE A 23 -1.08 -0.93 -9.92
CA ILE A 23 -0.09 -0.55 -10.92
C ILE A 23 0.65 -1.78 -11.46
N GLU A 24 0.71 -2.83 -10.65
CA GLU A 24 1.38 -4.07 -11.05
C GLU A 24 0.62 -4.77 -12.17
N HIS A 25 -0.71 -4.69 -12.11
CA HIS A 25 -1.55 -5.32 -13.12
C HIS A 25 -1.74 -4.40 -14.32
N VAL A 26 -1.83 -3.10 -14.05
CA VAL A 26 -2.01 -2.11 -15.11
C VAL A 26 -0.74 -1.95 -15.93
N LEU A 27 0.34 -1.56 -15.27
CA LEU A 27 1.61 -1.36 -15.94
C LEU A 27 2.01 -2.61 -16.75
N LEU A 28 1.76 -3.77 -16.17
CA LEU A 28 2.07 -5.03 -16.84
C LEU A 28 1.30 -5.18 -18.14
N ARG A 29 0.11 -4.59 -18.17
CA ARG A 29 -0.73 -4.65 -19.37
C ARG A 29 -0.75 -3.30 -20.08
N ARG A 30 0.26 -2.49 -19.83
CA ARG A 30 0.35 -1.17 -20.45
C ARG A 30 1.75 -0.94 -21.04
N PRO A 31 1.84 0.02 -21.97
CA PRO A 31 3.10 0.35 -22.63
C PRO A 31 4.10 1.02 -21.69
N SER A 1 5.19 5.60 22.86
CA SER A 1 4.87 5.50 21.44
C SER A 1 3.41 5.88 21.19
N ALA A 2 3.20 6.86 20.32
CA ALA A 2 1.85 7.31 20.00
C ALA A 2 1.02 6.18 19.41
N GLN A 3 -0.19 6.00 19.94
CA GLN A 3 -1.08 4.96 19.47
C GLN A 3 -1.33 5.07 17.97
N GLU A 4 -1.43 6.31 17.49
CA GLU A 4 -1.67 6.56 16.07
C GLU A 4 -0.41 6.27 15.25
N GLU A 5 0.74 6.62 15.81
CA GLU A 5 2.01 6.40 15.13
C GLU A 5 2.30 4.90 14.99
N ALA A 6 1.99 4.15 16.03
CA ALA A 6 2.22 2.70 16.03
C ALA A 6 1.39 2.03 14.94
N GLU A 7 0.09 2.26 14.97
CA GLU A 7 -0.82 1.66 13.99
C GLU A 7 -0.46 2.12 12.58
N ALA A 8 -0.05 3.38 12.45
CA ALA A 8 0.32 3.94 11.16
C ALA A 8 1.37 3.07 10.46
N GLU A 9 2.27 2.50 11.26
CA GLU A 9 3.32 1.65 10.72
C GLU A 9 2.74 0.54 9.83
N GLU A 10 1.91 -0.30 10.43
CA GLU A 10 1.29 -1.39 9.70
C GLU A 10 0.34 -0.86 8.62
N ARG A 11 -0.34 0.23 8.94
CA ARG A 11 -1.28 0.84 8.00
C ARG A 11 -0.61 1.10 6.66
N ARG A 12 0.43 1.92 6.67
CA ARG A 12 1.15 2.25 5.44
C ARG A 12 1.58 0.99 4.70
N LEU A 13 1.95 -0.03 5.47
CA LEU A 13 2.38 -1.30 4.88
C LEU A 13 1.27 -1.92 4.04
N GLN A 14 0.03 -1.83 4.53
CA GLN A 14 -1.11 -2.38 3.83
C GLN A 14 -1.33 -1.66 2.51
N GLU A 15 -1.13 -0.35 2.51
CA GLU A 15 -1.31 0.45 1.29
C GLU A 15 -0.42 -0.06 0.17
N GLN A 16 0.87 -0.24 0.47
CA GLN A 16 1.83 -0.72 -0.52
C GLN A 16 1.56 -2.18 -0.86
N GLU A 17 1.16 -2.95 0.15
CA GLU A 17 0.88 -4.37 -0.04
C GLU A 17 -0.20 -4.58 -1.10
N GLU A 18 -1.18 -3.67 -1.11
CA GLU A 18 -2.28 -3.75 -2.06
C GLU A 18 -1.95 -2.98 -3.34
N LEU A 19 -1.24 -1.87 -3.19
CA LEU A 19 -0.87 -1.04 -4.32
C LEU A 19 0.00 -1.81 -5.30
N GLU A 20 0.86 -2.68 -4.76
CA GLU A 20 1.74 -3.50 -5.60
C GLU A 20 0.96 -4.21 -6.69
N ASN A 21 -0.29 -4.56 -6.38
CA ASN A 21 -1.14 -5.24 -7.35
C ASN A 21 -1.83 -4.25 -8.27
N TYR A 22 -2.09 -3.05 -7.76
CA TYR A 22 -2.74 -2.00 -8.54
C TYR A 22 -2.03 -1.79 -9.87
N ILE A 23 -0.82 -1.21 -9.79
CA ILE A 23 -0.03 -0.95 -10.98
C ILE A 23 0.28 -2.23 -11.74
N GLU A 24 0.29 -3.35 -11.02
CA GLU A 24 0.56 -4.65 -11.63
C GLU A 24 -0.36 -4.89 -12.82
N HIS A 25 -1.63 -4.58 -12.66
CA HIS A 25 -2.61 -4.77 -13.73
C HIS A 25 -2.70 -3.52 -14.60
N VAL A 26 -2.72 -2.35 -13.96
CA VAL A 26 -2.80 -1.09 -14.68
C VAL A 26 -1.71 -0.97 -15.73
N LEU A 27 -0.52 -1.41 -15.37
CA LEU A 27 0.63 -1.36 -16.29
C LEU A 27 0.58 -2.52 -17.28
N LEU A 28 0.26 -3.70 -16.77
CA LEU A 28 0.17 -4.89 -17.61
C LEU A 28 -0.86 -4.72 -18.72
N ARG A 29 -1.90 -3.94 -18.42
CA ARG A 29 -2.97 -3.68 -19.38
C ARG A 29 -2.78 -2.33 -20.04
N ARG A 30 -1.56 -1.81 -20.02
CA ARG A 30 -1.25 -0.52 -20.61
C ARG A 30 -0.03 -0.61 -21.52
N PRO A 31 0.11 0.38 -22.42
CA PRO A 31 1.24 0.43 -23.35
C PRO A 31 2.57 0.74 -22.66
N SER A 1 8.20 5.44 20.10
CA SER A 1 7.01 4.69 19.77
C SER A 1 5.74 5.51 20.05
N ALA A 2 4.94 5.73 19.01
CA ALA A 2 3.71 6.50 19.13
C ALA A 2 2.53 5.74 18.53
N GLN A 3 1.45 5.65 19.30
CA GLN A 3 0.25 4.96 18.85
C GLN A 3 -0.25 5.53 17.52
N GLU A 4 -0.12 6.85 17.37
CA GLU A 4 -0.55 7.51 16.15
C GLU A 4 0.25 7.02 14.95
N GLU A 5 1.55 6.79 15.16
CA GLU A 5 2.42 6.33 14.09
C GLU A 5 2.18 4.84 13.79
N ALA A 6 1.92 4.07 14.85
CA ALA A 6 1.66 2.64 14.70
C ALA A 6 0.47 2.39 13.78
N GLU A 7 -0.59 3.18 13.98
CA GLU A 7 -1.79 3.04 13.16
C GLU A 7 -1.50 3.30 11.69
N ALA A 8 -0.96 4.47 11.40
CA ALA A 8 -0.62 4.84 10.03
C ALA A 8 0.34 3.83 9.40
N GLU A 9 1.30 3.36 10.19
CA GLU A 9 2.28 2.39 9.71
C GLU A 9 1.61 1.07 9.39
N GLU A 10 0.79 0.58 10.33
CA GLU A 10 0.10 -0.69 10.14
C GLU A 10 -0.87 -0.61 8.97
N ARG A 11 -1.54 0.52 8.83
CA ARG A 11 -2.50 0.72 7.75
C ARG A 11 -1.79 0.78 6.40
N ARG A 12 -0.72 1.57 6.33
CA ARG A 12 0.05 1.70 5.10
C ARG A 12 0.72 0.39 4.73
N LEU A 13 1.16 -0.35 5.73
CA LEU A 13 1.83 -1.63 5.51
C LEU A 13 0.94 -2.57 4.71
N GLN A 14 -0.26 -2.83 5.22
CA GLN A 14 -1.21 -3.71 4.54
C GLN A 14 -1.64 -3.13 3.21
N GLU A 15 -1.88 -1.82 3.18
CA GLU A 15 -2.30 -1.14 1.98
C GLU A 15 -1.34 -1.43 0.83
N GLN A 16 -0.05 -1.51 1.15
CA GLN A 16 0.97 -1.78 0.15
C GLN A 16 0.81 -3.18 -0.43
N GLU A 17 0.41 -4.12 0.41
CA GLU A 17 0.22 -5.51 -0.02
C GLU A 17 -0.80 -5.58 -1.15
N GLU A 18 -1.81 -4.73 -1.09
CA GLU A 18 -2.85 -4.70 -2.12
C GLU A 18 -2.48 -3.73 -3.23
N LEU A 19 -1.84 -2.63 -2.86
CA LEU A 19 -1.45 -1.61 -3.83
C LEU A 19 -0.47 -2.19 -4.86
N GLU A 20 0.43 -3.05 -4.38
CA GLU A 20 1.42 -3.68 -5.25
C GLU A 20 0.76 -4.30 -6.47
N ASN A 21 -0.46 -4.80 -6.28
CA ASN A 21 -1.20 -5.44 -7.36
C ASN A 21 -1.88 -4.39 -8.24
N TYR A 22 -2.26 -3.26 -7.63
CA TYR A 22 -2.92 -2.19 -8.36
C TYR A 22 -2.10 -1.76 -9.56
N ILE A 23 -0.96 -1.12 -9.30
CA ILE A 23 -0.08 -0.66 -10.36
C ILE A 23 0.43 -1.83 -11.20
N GLU A 24 0.47 -3.00 -10.60
CA GLU A 24 0.94 -4.20 -11.29
C GLU A 24 0.03 -4.52 -12.48
N HIS A 25 -1.27 -4.52 -12.24
CA HIS A 25 -2.24 -4.80 -13.29
C HIS A 25 -2.44 -3.60 -14.21
N VAL A 26 -2.47 -2.42 -13.62
CA VAL A 26 -2.64 -1.19 -14.38
C VAL A 26 -1.48 -0.96 -15.34
N LEU A 27 -0.29 -0.85 -14.79
CA LEU A 27 0.91 -0.64 -15.60
C LEU A 27 1.03 -1.70 -16.69
N LEU A 28 0.58 -2.90 -16.38
CA LEU A 28 0.62 -4.00 -17.34
C LEU A 28 -0.39 -3.79 -18.46
N ARG A 29 -1.50 -3.14 -18.14
CA ARG A 29 -2.54 -2.87 -19.11
C ARG A 29 -2.57 -1.39 -19.50
N ARG A 30 -1.44 -0.71 -19.29
CA ARG A 30 -1.35 0.72 -19.60
C ARG A 30 -1.70 0.97 -21.06
N PRO A 31 -2.04 2.23 -21.38
CA PRO A 31 -2.40 2.63 -22.74
C PRO A 31 -1.22 2.61 -23.69
N SER A 1 7.91 7.47 17.00
CA SER A 1 7.03 6.34 16.72
C SER A 1 5.85 6.31 17.68
N ALA A 2 5.07 7.39 17.69
CA ALA A 2 3.91 7.48 18.56
C ALA A 2 2.90 6.38 18.25
N GLN A 3 1.80 6.38 18.99
CA GLN A 3 0.75 5.38 18.80
C GLN A 3 -0.03 5.66 17.52
N GLU A 4 -0.52 6.89 17.39
CA GLU A 4 -1.29 7.29 16.22
C GLU A 4 -0.42 7.31 14.97
N GLU A 5 0.79 7.85 15.11
CA GLU A 5 1.72 7.93 13.99
C GLU A 5 2.08 6.54 13.47
N ALA A 6 2.67 5.72 14.35
CA ALA A 6 3.06 4.36 13.98
C ALA A 6 1.88 3.59 13.43
N GLU A 7 0.73 3.73 14.08
CA GLU A 7 -0.48 3.03 13.66
C GLU A 7 -0.79 3.31 12.19
N ALA A 8 -0.58 4.55 11.79
CA ALA A 8 -0.83 4.95 10.40
C ALA A 8 0.02 4.15 9.43
N GLU A 9 1.27 3.91 9.81
CA GLU A 9 2.20 3.16 8.97
C GLU A 9 1.69 1.73 8.75
N GLU A 10 1.10 1.15 9.79
CA GLU A 10 0.57 -0.20 9.71
C GLU A 10 -0.50 -0.31 8.62
N ARG A 11 -1.42 0.64 8.62
CA ARG A 11 -2.50 0.65 7.64
C ARG A 11 -1.94 0.56 6.23
N ARG A 12 -0.81 1.23 5.99
CA ARG A 12 -0.18 1.22 4.68
C ARG A 12 0.57 -0.09 4.45
N LEU A 13 1.18 -0.61 5.50
CA LEU A 13 1.92 -1.86 5.41
C LEU A 13 1.08 -2.97 4.80
N GLN A 14 -0.15 -3.11 5.30
CA GLN A 14 -1.07 -4.13 4.80
C GLN A 14 -1.60 -3.75 3.42
N GLU A 15 -1.85 -2.46 3.21
CA GLU A 15 -2.35 -1.98 1.92
C GLU A 15 -1.50 -2.49 0.78
N GLN A 16 -0.22 -2.70 1.04
CA GLN A 16 0.71 -3.19 0.02
C GLN A 16 0.17 -4.45 -0.64
N GLU A 17 -0.52 -5.27 0.14
CA GLU A 17 -1.09 -6.51 -0.37
C GLU A 17 -2.10 -6.23 -1.49
N GLU A 18 -2.79 -5.11 -1.38
CA GLU A 18 -3.79 -4.72 -2.38
C GLU A 18 -3.15 -3.85 -3.46
N LEU A 19 -2.21 -3.01 -3.06
CA LEU A 19 -1.52 -2.12 -4.00
C LEU A 19 -0.65 -2.91 -4.96
N GLU A 20 -0.06 -4.01 -4.46
CA GLU A 20 0.79 -4.86 -5.28
C GLU A 20 0.09 -5.25 -6.58
N ASN A 21 -1.24 -5.33 -6.52
CA ASN A 21 -2.03 -5.71 -7.69
C ASN A 21 -2.37 -4.49 -8.53
N TYR A 22 -2.54 -3.34 -7.87
CA TYR A 22 -2.87 -2.10 -8.55
C TYR A 22 -1.89 -1.84 -9.69
N ILE A 23 -0.64 -1.59 -9.35
CA ILE A 23 0.39 -1.31 -10.35
C ILE A 23 0.60 -2.52 -11.25
N GLU A 24 0.26 -3.70 -10.75
CA GLU A 24 0.41 -4.93 -11.53
C GLU A 24 -0.32 -4.81 -12.86
N HIS A 25 -1.53 -4.25 -12.82
CA HIS A 25 -2.34 -4.10 -14.03
C HIS A 25 -2.02 -2.77 -14.71
N VAL A 26 -1.80 -1.74 -13.91
CA VAL A 26 -1.49 -0.40 -14.44
C VAL A 26 -0.25 -0.45 -15.32
N LEU A 27 0.83 -1.02 -14.79
CA LEU A 27 2.08 -1.12 -15.52
C LEU A 27 1.96 -2.09 -16.70
N LEU A 28 1.18 -3.13 -16.50
CA LEU A 28 0.97 -4.14 -17.54
C LEU A 28 0.17 -3.56 -18.70
N ARG A 29 -0.71 -2.61 -18.38
CA ARG A 29 -1.56 -1.98 -19.39
C ARG A 29 -0.80 -0.85 -20.09
N ARG A 30 -0.04 -0.09 -19.31
CA ARG A 30 0.73 1.02 -19.86
C ARG A 30 2.09 1.12 -19.19
N PRO A 31 3.07 1.69 -19.90
CA PRO A 31 4.44 1.85 -19.40
C PRO A 31 4.52 2.90 -18.29
N SER A 1 4.58 6.92 21.20
CA SER A 1 4.19 8.30 21.43
C SER A 1 2.71 8.51 21.13
N ALA A 2 2.23 7.86 20.07
CA ALA A 2 0.83 7.97 19.68
C ALA A 2 0.39 6.77 18.85
N GLN A 3 -0.78 6.23 19.16
CA GLN A 3 -1.31 5.08 18.44
C GLN A 3 -1.55 5.41 16.97
N GLU A 4 -2.00 6.63 16.71
CA GLU A 4 -2.26 7.07 15.35
C GLU A 4 -1.06 6.85 14.46
N GLU A 5 0.13 7.09 15.00
CA GLU A 5 1.38 6.91 14.25
C GLU A 5 1.81 5.45 14.27
N ALA A 6 1.70 4.82 15.42
CA ALA A 6 2.08 3.42 15.58
C ALA A 6 1.39 2.54 14.54
N GLU A 7 0.08 2.70 14.43
CA GLU A 7 -0.71 1.92 13.47
C GLU A 7 -0.35 2.30 12.05
N ALA A 8 -0.13 3.59 11.82
CA ALA A 8 0.22 4.09 10.49
C ALA A 8 1.41 3.33 9.92
N GLU A 9 2.38 3.02 10.79
CA GLU A 9 3.57 2.29 10.36
C GLU A 9 3.19 0.98 9.68
N GLU A 10 2.57 0.07 10.43
CA GLU A 10 2.16 -1.22 9.89
C GLU A 10 1.22 -1.04 8.71
N ARG A 11 0.34 -0.05 8.81
CA ARG A 11 -0.62 0.22 7.74
C ARG A 11 0.09 0.39 6.39
N ARG A 12 1.22 1.08 6.42
CA ARG A 12 2.00 1.31 5.20
C ARG A 12 2.29 -0.01 4.49
N LEU A 13 2.59 -1.04 5.27
CA LEU A 13 2.89 -2.36 4.72
C LEU A 13 1.65 -2.98 4.10
N GLN A 14 0.56 -2.99 4.85
CA GLN A 14 -0.69 -3.57 4.37
C GLN A 14 -1.14 -2.90 3.07
N GLU A 15 -0.88 -1.61 2.97
CA GLU A 15 -1.26 -0.84 1.77
C GLU A 15 -0.56 -1.40 0.54
N GLN A 16 0.68 -1.83 0.71
CA GLN A 16 1.47 -2.38 -0.39
C GLN A 16 0.88 -3.71 -0.86
N GLU A 17 0.35 -4.47 0.08
CA GLU A 17 -0.25 -5.78 -0.24
C GLU A 17 -1.37 -5.62 -1.25
N GLU A 18 -2.15 -4.55 -1.12
CA GLU A 18 -3.26 -4.28 -2.02
C GLU A 18 -2.81 -3.43 -3.21
N LEU A 19 -1.88 -2.52 -2.95
CA LEU A 19 -1.36 -1.64 -4.00
C LEU A 19 -0.61 -2.44 -5.06
N GLU A 20 0.09 -3.48 -4.62
CA GLU A 20 0.85 -4.33 -5.52
C GLU A 20 -0.02 -4.81 -6.68
N ASN A 21 -1.31 -4.96 -6.41
CA ASN A 21 -2.25 -5.43 -7.43
C ASN A 21 -2.69 -4.28 -8.32
N TYR A 22 -2.74 -3.07 -7.76
CA TYR A 22 -3.14 -1.89 -8.50
C TYR A 22 -2.30 -1.72 -9.76
N ILE A 23 -1.03 -1.34 -9.56
CA ILE A 23 -0.11 -1.15 -10.68
C ILE A 23 0.01 -2.41 -11.52
N GLU A 24 -0.24 -3.56 -10.89
CA GLU A 24 -0.17 -4.84 -11.59
C GLU A 24 -1.00 -4.82 -12.86
N HIS A 25 -2.22 -4.31 -12.75
CA HIS A 25 -3.13 -4.23 -13.90
C HIS A 25 -2.94 -2.92 -14.65
N VAL A 26 -2.77 -1.83 -13.92
CA VAL A 26 -2.59 -0.51 -14.52
C VAL A 26 -1.41 -0.53 -15.50
N LEU A 27 -0.34 -1.20 -15.12
CA LEU A 27 0.85 -1.29 -15.97
C LEU A 27 0.66 -2.34 -17.05
N LEU A 28 0.09 -3.48 -16.66
CA LEU A 28 -0.14 -4.58 -17.61
C LEU A 28 -1.06 -4.13 -18.74
N ARG A 29 -1.95 -3.20 -18.44
CA ARG A 29 -2.89 -2.68 -19.43
C ARG A 29 -2.43 -1.33 -19.97
N ARG A 30 -1.13 -1.06 -19.83
CA ARG A 30 -0.56 0.20 -20.29
C ARG A 30 0.67 -0.05 -21.15
N PRO A 31 1.05 0.97 -21.95
CA PRO A 31 2.20 0.88 -22.84
C PRO A 31 3.53 0.88 -22.07
N SER A 1 4.91 4.67 21.90
CA SER A 1 4.50 5.83 22.67
C SER A 1 3.11 6.29 22.26
N ALA A 2 2.96 6.66 20.98
CA ALA A 2 1.68 7.11 20.47
C ALA A 2 0.96 6.00 19.71
N GLN A 3 -0.13 5.51 20.27
CA GLN A 3 -0.89 4.44 19.64
C GLN A 3 -1.24 4.79 18.19
N GLU A 4 -1.50 6.07 17.95
CA GLU A 4 -1.85 6.53 16.62
C GLU A 4 -0.71 6.25 15.63
N GLU A 5 0.49 6.72 15.96
CA GLU A 5 1.65 6.52 15.11
C GLU A 5 1.97 5.04 14.96
N ALA A 6 1.83 4.30 16.06
CA ALA A 6 2.10 2.87 16.05
C ALA A 6 1.19 2.13 15.07
N GLU A 7 -0.09 2.49 15.07
CA GLU A 7 -1.06 1.88 14.18
C GLU A 7 -0.82 2.31 12.74
N ALA A 8 -0.42 3.57 12.56
CA ALA A 8 -0.15 4.10 11.24
C ALA A 8 0.81 3.22 10.47
N GLU A 9 1.82 2.70 11.16
CA GLU A 9 2.82 1.83 10.54
C GLU A 9 2.15 0.66 9.83
N GLU A 10 1.09 0.13 10.44
CA GLU A 10 0.36 -0.99 9.86
C GLU A 10 -0.34 -0.59 8.56
N ARG A 11 -0.94 0.60 8.57
CA ARG A 11 -1.65 1.10 7.40
C ARG A 11 -0.68 1.35 6.24
N ARG A 12 0.51 1.86 6.58
CA ARG A 12 1.53 2.16 5.57
C ARG A 12 1.86 0.89 4.77
N LEU A 13 2.00 -0.22 5.47
CA LEU A 13 2.33 -1.49 4.83
C LEU A 13 1.18 -1.96 3.95
N GLN A 14 -0.03 -1.96 4.50
CA GLN A 14 -1.21 -2.38 3.77
C GLN A 14 -1.38 -1.57 2.48
N GLU A 15 -1.21 -0.26 2.58
CA GLU A 15 -1.34 0.62 1.42
C GLU A 15 -0.45 0.14 0.27
N GLN A 16 0.82 -0.10 0.57
CA GLN A 16 1.77 -0.56 -0.43
C GLN A 16 1.45 -1.98 -0.87
N GLU A 17 1.00 -2.80 0.08
CA GLU A 17 0.66 -4.19 -0.21
C GLU A 17 -0.41 -4.27 -1.29
N GLU A 18 -1.35 -3.33 -1.26
CA GLU A 18 -2.43 -3.30 -2.24
C GLU A 18 -2.04 -2.46 -3.46
N LEU A 19 -1.29 -1.39 -3.22
CA LEU A 19 -0.85 -0.51 -4.29
C LEU A 19 0.01 -1.26 -5.30
N GLU A 20 0.87 -2.14 -4.79
CA GLU A 20 1.75 -2.92 -5.66
C GLU A 20 0.95 -3.63 -6.74
N ASN A 21 -0.29 -4.00 -6.43
CA ASN A 21 -1.15 -4.69 -7.38
C ASN A 21 -1.80 -3.69 -8.34
N TYR A 22 -2.03 -2.48 -7.85
CA TYR A 22 -2.64 -1.44 -8.68
C TYR A 22 -1.84 -1.21 -9.96
N ILE A 23 -0.66 -0.64 -9.82
CA ILE A 23 0.20 -0.37 -10.96
C ILE A 23 0.57 -1.66 -11.68
N GLU A 24 0.55 -2.77 -10.95
CA GLU A 24 0.88 -4.07 -11.52
C GLU A 24 -0.18 -4.51 -12.53
N HIS A 25 -1.44 -4.19 -12.22
CA HIS A 25 -2.55 -4.56 -13.10
C HIS A 25 -2.75 -3.52 -14.19
N VAL A 26 -2.71 -2.24 -13.81
CA VAL A 26 -2.88 -1.15 -14.75
C VAL A 26 -1.79 -1.17 -15.81
N LEU A 27 -0.54 -1.04 -15.38
CA LEU A 27 0.59 -1.05 -16.30
C LEU A 27 0.54 -2.26 -17.22
N LEU A 28 0.08 -3.38 -16.68
CA LEU A 28 -0.02 -4.62 -17.45
C LEU A 28 -1.20 -4.57 -18.42
N ARG A 29 -2.24 -3.84 -18.03
CA ARG A 29 -3.43 -3.71 -18.86
C ARG A 29 -3.42 -2.37 -19.59
N ARG A 30 -2.25 -1.79 -19.74
CA ARG A 30 -2.11 -0.50 -20.41
C ARG A 30 -2.21 -0.67 -21.93
N PRO A 31 -2.65 0.40 -22.62
CA PRO A 31 -2.81 0.38 -24.08
C PRO A 31 -1.47 0.34 -24.80
N SER A 1 5.75 2.77 23.22
CA SER A 1 5.33 3.01 21.84
C SER A 1 3.90 3.53 21.80
N ALA A 2 3.70 4.59 21.04
CA ALA A 2 2.37 5.19 20.91
C ALA A 2 1.47 4.33 20.03
N GLN A 3 0.24 4.13 20.49
CA GLN A 3 -0.73 3.31 19.74
C GLN A 3 -1.12 3.99 18.44
N GLU A 4 -1.21 5.32 18.48
CA GLU A 4 -1.59 6.09 17.29
C GLU A 4 -0.53 5.95 16.20
N GLU A 5 0.74 5.98 16.60
CA GLU A 5 1.84 5.85 15.65
C GLU A 5 1.75 4.53 14.89
N ALA A 6 1.75 3.43 15.64
CA ALA A 6 1.67 2.10 15.03
C ALA A 6 0.48 2.00 14.10
N GLU A 7 -0.68 2.45 14.57
CA GLU A 7 -1.90 2.40 13.77
C GLU A 7 -1.69 3.06 12.41
N ALA A 8 -0.93 4.15 12.40
CA ALA A 8 -0.65 4.88 11.17
C ALA A 8 0.42 4.17 10.35
N GLU A 9 1.48 3.73 11.01
CA GLU A 9 2.57 3.04 10.34
C GLU A 9 2.05 1.82 9.58
N GLU A 10 1.14 1.08 10.22
CA GLU A 10 0.56 -0.11 9.61
C GLU A 10 -0.18 0.24 8.31
N ARG A 11 -0.85 1.38 8.31
CA ARG A 11 -1.59 1.83 7.15
C ARG A 11 -0.65 2.10 5.97
N ARG A 12 0.53 2.63 6.27
CA ARG A 12 1.51 2.94 5.24
C ARG A 12 2.00 1.67 4.56
N LEU A 13 2.14 0.60 5.34
CA LEU A 13 2.61 -0.68 4.82
C LEU A 13 1.54 -1.32 3.94
N GLN A 14 0.36 -1.56 4.51
CA GLN A 14 -0.74 -2.18 3.78
C GLN A 14 -1.02 -1.40 2.49
N GLU A 15 -0.95 -0.08 2.58
CA GLU A 15 -1.21 0.78 1.42
C GLU A 15 -0.35 0.36 0.23
N GLN A 16 0.93 0.10 0.50
CA GLN A 16 1.86 -0.30 -0.54
C GLN A 16 1.65 -1.77 -0.93
N GLU A 17 1.31 -2.59 0.06
CA GLU A 17 1.08 -4.01 -0.18
C GLU A 17 -0.04 -4.22 -1.19
N GLU A 18 -1.04 -3.34 -1.14
CA GLU A 18 -2.17 -3.43 -2.05
C GLU A 18 -1.93 -2.61 -3.31
N LEU A 19 -1.20 -1.50 -3.16
CA LEU A 19 -0.89 -0.62 -4.28
C LEU A 19 -0.01 -1.34 -5.30
N GLU A 20 0.96 -2.11 -4.81
CA GLU A 20 1.87 -2.85 -5.67
C GLU A 20 1.10 -3.69 -6.69
N ASN A 21 -0.08 -4.16 -6.29
CA ASN A 21 -0.92 -4.98 -7.16
C ASN A 21 -1.70 -4.09 -8.14
N TYR A 22 -2.00 -2.88 -7.71
CA TYR A 22 -2.75 -1.95 -8.55
C TYR A 22 -2.03 -1.70 -9.87
N ILE A 23 -0.90 -1.00 -9.80
CA ILE A 23 -0.13 -0.71 -10.99
C ILE A 23 0.34 -1.98 -11.67
N GLU A 24 0.46 -3.06 -10.91
CA GLU A 24 0.89 -4.34 -11.44
C GLU A 24 0.01 -4.77 -12.61
N HIS A 25 -1.29 -4.55 -12.47
CA HIS A 25 -2.24 -4.91 -13.52
C HIS A 25 -2.43 -3.76 -14.51
N VAL A 26 -2.48 -2.54 -13.98
CA VAL A 26 -2.66 -1.35 -14.81
C VAL A 26 -1.56 -1.26 -15.86
N LEU A 27 -0.31 -1.34 -15.41
CA LEU A 27 0.83 -1.25 -16.32
C LEU A 27 0.88 -2.47 -17.24
N LEU A 28 0.62 -3.65 -16.68
CA LEU A 28 0.64 -4.88 -17.45
C LEU A 28 -0.42 -4.85 -18.55
N ARG A 29 -1.52 -4.14 -18.29
CA ARG A 29 -2.60 -4.03 -19.27
C ARG A 29 -2.69 -2.62 -19.81
N ARG A 30 -1.60 -1.87 -19.72
CA ARG A 30 -1.55 -0.50 -20.20
C ARG A 30 -2.53 0.38 -19.44
N PRO A 31 -2.32 1.70 -19.50
CA PRO A 31 -3.18 2.68 -18.82
C PRO A 31 -4.55 2.77 -19.46
N SER A 1 6.81 4.42 20.74
CA SER A 1 5.84 3.66 21.54
C SER A 1 4.49 4.35 21.55
N ALA A 2 4.12 4.93 20.41
CA ALA A 2 2.83 5.63 20.30
C ALA A 2 1.84 4.81 19.49
N GLN A 3 0.70 4.49 20.12
CA GLN A 3 -0.34 3.71 19.45
C GLN A 3 -0.81 4.40 18.17
N GLU A 4 -0.91 5.73 18.24
CA GLU A 4 -1.36 6.50 17.09
C GLU A 4 -0.39 6.36 15.92
N GLU A 5 0.85 6.77 16.14
CA GLU A 5 1.88 6.68 15.11
C GLU A 5 2.01 5.26 14.59
N ALA A 6 1.91 4.29 15.49
CA ALA A 6 2.00 2.88 15.12
C ALA A 6 0.93 2.50 14.10
N GLU A 7 -0.28 3.00 14.33
CA GLU A 7 -1.40 2.71 13.43
C GLU A 7 -1.05 3.07 11.98
N ALA A 8 -0.45 4.24 11.80
CA ALA A 8 -0.06 4.71 10.48
C ALA A 8 1.01 3.81 9.88
N GLU A 9 1.98 3.41 10.70
CA GLU A 9 3.06 2.56 10.25
C GLU A 9 2.52 1.29 9.59
N GLU A 10 1.71 0.54 10.33
CA GLU A 10 1.11 -0.69 9.82
C GLU A 10 0.19 -0.40 8.64
N ARG A 11 -0.58 0.67 8.74
CA ARG A 11 -1.51 1.05 7.68
C ARG A 11 -0.77 1.24 6.36
N ARG A 12 0.35 1.96 6.40
CA ARG A 12 1.13 2.19 5.19
C ARG A 12 1.51 0.88 4.52
N LEU A 13 1.79 -0.13 5.32
CA LEU A 13 2.16 -1.45 4.80
C LEU A 13 1.02 -2.07 4.01
N GLN A 14 -0.19 -1.93 4.54
CA GLN A 14 -1.38 -2.47 3.88
C GLN A 14 -1.63 -1.76 2.55
N GLU A 15 -1.63 -0.44 2.59
CA GLU A 15 -1.87 0.36 1.39
C GLU A 15 -0.94 -0.07 0.25
N GLN A 16 0.33 -0.29 0.59
CA GLN A 16 1.32 -0.70 -0.40
C GLN A 16 1.15 -2.18 -0.74
N GLU A 17 0.79 -2.98 0.25
CA GLU A 17 0.60 -4.41 0.05
C GLU A 17 -0.47 -4.68 -1.00
N GLU A 18 -1.49 -3.83 -1.02
CA GLU A 18 -2.58 -3.97 -1.98
C GLU A 18 -2.29 -3.18 -3.25
N LEU A 19 -1.60 -2.06 -3.11
CA LEU A 19 -1.27 -1.21 -4.24
C LEU A 19 -0.32 -1.94 -5.20
N GLU A 20 0.57 -2.74 -4.64
CA GLU A 20 1.53 -3.49 -5.45
C GLU A 20 0.82 -4.27 -6.56
N ASN A 21 -0.41 -4.71 -6.27
CA ASN A 21 -1.19 -5.45 -7.24
C ASN A 21 -1.93 -4.51 -8.19
N TYR A 22 -2.30 -3.35 -7.69
CA TYR A 22 -3.00 -2.35 -8.49
C TYR A 22 -2.29 -2.08 -9.80
N ILE A 23 -1.13 -1.44 -9.71
CA ILE A 23 -0.33 -1.13 -10.89
C ILE A 23 0.08 -2.39 -11.63
N GLU A 24 0.14 -3.50 -10.90
CA GLU A 24 0.53 -4.78 -11.49
C GLU A 24 -0.32 -5.09 -12.72
N HIS A 25 -1.63 -4.92 -12.59
CA HIS A 25 -2.55 -5.17 -13.69
C HIS A 25 -2.59 -4.00 -14.66
N VAL A 26 -2.67 -2.79 -14.10
CA VAL A 26 -2.70 -1.58 -14.92
C VAL A 26 -1.53 -1.53 -15.90
N LEU A 27 -0.33 -1.48 -15.36
CA LEU A 27 0.88 -1.44 -16.18
C LEU A 27 0.91 -2.61 -17.16
N LEU A 28 0.53 -3.78 -16.69
CA LEU A 28 0.51 -4.98 -17.53
C LEU A 28 -0.46 -4.81 -18.69
N ARG A 29 -1.50 -4.03 -18.47
CA ARG A 29 -2.50 -3.79 -19.51
C ARG A 29 -2.36 -2.37 -20.08
N ARG A 30 -1.17 -1.79 -19.92
CA ARG A 30 -0.91 -0.45 -20.41
C ARG A 30 0.39 -0.41 -21.21
N PRO A 31 0.56 0.63 -22.03
CA PRO A 31 1.75 0.81 -22.86
C PRO A 31 2.98 1.16 -22.04
N SER A 1 4.33 10.80 21.45
CA SER A 1 4.18 9.93 20.28
C SER A 1 2.73 9.89 19.82
N ALA A 2 2.51 10.07 18.52
CA ALA A 2 1.18 10.04 17.96
C ALA A 2 0.71 8.61 17.71
N GLN A 3 -0.47 8.28 18.24
CA GLN A 3 -1.02 6.94 18.08
C GLN A 3 -1.35 6.65 16.62
N GLU A 4 -1.81 7.68 15.91
CA GLU A 4 -2.15 7.54 14.50
C GLU A 4 -0.94 7.08 13.69
N GLU A 5 0.23 7.61 14.02
CA GLU A 5 1.47 7.26 13.32
C GLU A 5 1.78 5.77 13.49
N ALA A 6 1.57 5.27 14.70
CA ALA A 6 1.83 3.86 15.00
C ALA A 6 1.05 2.94 14.06
N GLU A 7 -0.16 3.36 13.71
CA GLU A 7 -1.01 2.58 12.81
C GLU A 7 -0.32 2.39 11.45
N ALA A 8 0.31 3.45 10.96
CA ALA A 8 1.00 3.41 9.68
C ALA A 8 1.93 2.20 9.60
N GLU A 9 2.50 1.82 10.73
CA GLU A 9 3.42 0.68 10.79
C GLU A 9 2.79 -0.54 10.14
N GLU A 10 1.78 -1.11 10.80
CA GLU A 10 1.10 -2.29 10.29
C GLU A 10 0.27 -1.95 9.05
N ARG A 11 -0.33 -0.76 9.06
CA ARG A 11 -1.16 -0.32 7.94
C ARG A 11 -0.39 -0.41 6.64
N ARG A 12 0.81 0.17 6.60
CA ARG A 12 1.64 0.15 5.40
C ARG A 12 1.80 -1.28 4.89
N LEU A 13 1.90 -2.23 5.80
CA LEU A 13 2.07 -3.63 5.44
C LEU A 13 0.92 -4.10 4.54
N GLN A 14 -0.31 -4.01 5.06
CA GLN A 14 -1.48 -4.42 4.31
C GLN A 14 -1.68 -3.54 3.08
N GLU A 15 -1.36 -2.25 3.22
CA GLU A 15 -1.51 -1.30 2.12
C GLU A 15 -0.64 -1.72 0.94
N GLN A 16 0.54 -2.25 1.22
CA GLN A 16 1.46 -2.68 0.18
C GLN A 16 0.97 -3.98 -0.46
N GLU A 17 0.41 -4.85 0.35
CA GLU A 17 -0.09 -6.14 -0.14
C GLU A 17 -1.14 -5.93 -1.24
N GLU A 18 -1.93 -4.89 -1.10
CA GLU A 18 -2.97 -4.58 -2.08
C GLU A 18 -2.44 -3.64 -3.15
N LEU A 19 -1.56 -2.73 -2.76
CA LEU A 19 -0.98 -1.77 -3.70
C LEU A 19 -0.18 -2.49 -4.78
N GLU A 20 0.53 -3.54 -4.38
CA GLU A 20 1.33 -4.31 -5.33
C GLU A 20 0.51 -4.73 -6.54
N ASN A 21 -0.79 -4.94 -6.32
CA ASN A 21 -1.69 -5.33 -7.39
C ASN A 21 -2.19 -4.11 -8.17
N TYR A 22 -2.31 -2.99 -7.47
CA TYR A 22 -2.77 -1.76 -8.09
C TYR A 22 -1.96 -1.43 -9.34
N ILE A 23 -0.70 -1.05 -9.14
CA ILE A 23 0.18 -0.71 -10.24
C ILE A 23 0.35 -1.89 -11.20
N GLU A 24 0.15 -3.10 -10.68
CA GLU A 24 0.27 -4.31 -11.48
C GLU A 24 -0.66 -4.26 -12.69
N HIS A 25 -1.90 -3.80 -12.45
CA HIS A 25 -2.89 -3.71 -13.52
C HIS A 25 -2.82 -2.33 -14.19
N VAL A 26 -2.63 -1.29 -13.40
CA VAL A 26 -2.54 0.07 -13.92
C VAL A 26 -1.41 0.20 -14.94
N LEU A 27 -0.29 -0.45 -14.65
CA LEU A 27 0.86 -0.41 -15.53
C LEU A 27 0.70 -1.37 -16.70
N LEU A 28 0.07 -2.51 -16.43
CA LEU A 28 -0.16 -3.52 -17.45
C LEU A 28 -1.18 -3.04 -18.48
N ARG A 29 -2.11 -2.20 -18.03
CA ARG A 29 -3.14 -1.65 -18.91
C ARG A 29 -2.90 -0.17 -19.19
N ARG A 30 -1.65 0.26 -19.00
CA ARG A 30 -1.30 1.66 -19.22
C ARG A 30 -1.77 2.13 -20.59
N PRO A 31 -1.96 3.45 -20.73
CA PRO A 31 -2.42 4.05 -21.98
C PRO A 31 -1.35 4.00 -23.07
N SER A 1 7.65 7.74 19.82
CA SER A 1 7.44 8.75 18.79
C SER A 1 6.00 9.25 18.80
N ALA A 2 5.08 8.41 18.33
CA ALA A 2 3.67 8.77 18.29
C ALA A 2 2.80 7.56 17.95
N GLN A 3 1.82 7.28 18.79
CA GLN A 3 0.92 6.14 18.58
C GLN A 3 0.23 6.25 17.23
N GLU A 4 -0.18 7.46 16.87
CA GLU A 4 -0.86 7.69 15.59
C GLU A 4 -0.04 7.12 14.43
N GLU A 5 1.23 7.50 14.38
CA GLU A 5 2.12 7.04 13.31
C GLU A 5 2.14 5.51 13.26
N ALA A 6 2.09 4.89 14.42
CA ALA A 6 2.11 3.43 14.51
C ALA A 6 0.95 2.82 13.71
N GLU A 7 -0.19 3.51 13.72
CA GLU A 7 -1.36 3.03 13.00
C GLU A 7 -1.12 3.01 11.50
N ALA A 8 -0.97 4.19 10.91
CA ALA A 8 -0.72 4.31 9.49
C ALA A 8 0.48 3.47 9.06
N GLU A 9 1.49 3.41 9.93
CA GLU A 9 2.69 2.65 9.65
C GLU A 9 2.36 1.19 9.35
N GLU A 10 1.50 0.60 10.18
CA GLU A 10 1.10 -0.79 10.01
C GLU A 10 0.08 -0.92 8.88
N ARG A 11 -0.81 0.06 8.77
CA ARG A 11 -1.83 0.05 7.73
C ARG A 11 -1.20 0.02 6.34
N ARG A 12 -0.07 0.70 6.19
CA ARG A 12 0.62 0.74 4.91
C ARG A 12 1.04 -0.66 4.47
N LEU A 13 1.53 -1.45 5.42
CA LEU A 13 1.97 -2.81 5.13
C LEU A 13 0.80 -3.65 4.61
N GLN A 14 -0.25 -3.77 5.41
CA GLN A 14 -1.43 -4.53 5.03
C GLN A 14 -2.01 -4.03 3.72
N GLU A 15 -2.04 -2.71 3.56
CA GLU A 15 -2.57 -2.09 2.35
C GLU A 15 -1.72 -2.46 1.13
N GLN A 16 -0.41 -2.50 1.33
CA GLN A 16 0.52 -2.83 0.26
C GLN A 16 0.10 -4.13 -0.43
N GLU A 17 -0.41 -5.06 0.35
CA GLU A 17 -0.84 -6.36 -0.17
C GLU A 17 -1.89 -6.17 -1.27
N GLU A 18 -2.74 -5.18 -1.09
CA GLU A 18 -3.80 -4.90 -2.06
C GLU A 18 -3.32 -3.90 -3.11
N LEU A 19 -2.50 -2.94 -2.68
CA LEU A 19 -1.97 -1.93 -3.58
C LEU A 19 -1.13 -2.56 -4.68
N GLU A 20 -0.35 -3.57 -4.31
CA GLU A 20 0.51 -4.26 -5.28
C GLU A 20 -0.29 -4.72 -6.50
N ASN A 21 -1.57 -5.03 -6.27
CA ASN A 21 -2.45 -5.48 -7.35
C ASN A 21 -2.98 -4.29 -8.15
N TYR A 22 -3.13 -3.16 -7.47
CA TYR A 22 -3.62 -1.95 -8.12
C TYR A 22 -2.75 -1.57 -9.31
N ILE A 23 -1.54 -1.12 -9.04
CA ILE A 23 -0.61 -0.72 -10.08
C ILE A 23 -0.31 -1.89 -11.02
N GLU A 24 -0.44 -3.11 -10.50
CA GLU A 24 -0.18 -4.30 -11.29
C GLU A 24 -0.99 -4.28 -12.59
N HIS A 25 -2.10 -3.55 -12.58
CA HIS A 25 -2.96 -3.45 -13.76
C HIS A 25 -2.46 -2.34 -14.70
N VAL A 26 -2.61 -1.09 -14.27
CA VAL A 26 -2.18 0.05 -15.06
C VAL A 26 -0.75 -0.15 -15.56
N LEU A 27 0.13 -0.58 -14.67
CA LEU A 27 1.53 -0.81 -15.02
C LEU A 27 1.65 -1.87 -16.10
N LEU A 28 0.79 -2.87 -16.04
CA LEU A 28 0.79 -3.97 -17.01
C LEU A 28 0.30 -3.48 -18.37
N ARG A 29 -0.61 -2.50 -18.35
CA ARG A 29 -1.16 -1.95 -19.59
C ARG A 29 -0.55 -0.59 -19.89
N ARG A 30 0.62 -0.34 -19.33
CA ARG A 30 1.32 0.93 -19.55
C ARG A 30 2.65 0.70 -20.25
N PRO A 31 3.19 1.77 -20.86
CA PRO A 31 4.47 1.71 -21.58
C PRO A 31 5.66 1.54 -20.63
#